data_4ABZ
#
_entry.id   4ABZ
#
_cell.length_a   68.490
_cell.length_b   68.490
_cell.length_c   179.250
_cell.angle_alpha   90.000
_cell.angle_beta   90.000
_cell.angle_gamma   90.000
#
_symmetry.space_group_name_H-M   'I 41 2 2'
#
loop_
_entity.id
_entity.type
_entity.pdbx_description
1 polymer 'Tetracycline repressor protein class D'
2 non-polymer TIGECYCLINE
3 non-polymer 'MAGNESIUM ION'
4 non-polymer 'CHLORIDE ION'
5 water water
#
_entity_poly.entity_id   1
_entity_poly.type   'polypeptide(L)'
_entity_poly.pdbx_seq_one_letter_code
;SRLNRESVIDAALELLNETGIDGLTTRKLAQKLGIEQPTLYWHVKNKRALLDALAVEILARHHDYSLPAAGESWQSFLRN
NAMSFRRALLRYRDGAKVHLGTRPDEKQYDTVETQLRFMTENGFSLRDGLYAISAVSHFTLGAVLEQQEHTAALTDRPAA
PDENLPPLLREALQIMDSDDGEQAFLHGLESLIRGFEVQLTALLQIV
;
_entity_poly.pdbx_strand_id   AAA
#
loop_
_chem_comp.id
_chem_comp.type
_chem_comp.name
_chem_comp.formula
CL non-polymer 'CHLORIDE ION' 'Cl -1'
MG non-polymer 'MAGNESIUM ION' 'Mg 2'
T1C non-polymer TIGECYCLINE 'C29 H41 N5 O8 2'
#
# COMPACT_ATOMS: atom_id res chain seq x y z
N SER A 1 0.19 27.08 13.99
CA SER A 1 1.41 26.83 13.17
C SER A 1 1.04 27.05 11.70
N ARG A 2 1.93 26.74 10.77
CA ARG A 2 1.72 26.99 9.33
C ARG A 2 0.66 25.99 8.80
N LEU A 3 -0.25 26.40 7.91
CA LEU A 3 -1.33 25.49 7.44
C LEU A 3 -1.27 25.31 5.92
N ASN A 4 -0.11 25.44 5.28
CA ASN A 4 0.00 25.00 3.88
C ASN A 4 -0.28 23.49 3.86
N ARG A 5 -0.62 22.98 2.68
CA ARG A 5 -0.89 21.56 2.42
C ARG A 5 0.19 20.72 3.09
N GLU A 6 1.47 21.06 2.95
CA GLU A 6 2.55 20.14 3.36
C GLU A 6 2.54 20.04 4.91
N SER A 7 2.30 21.13 5.61
CA SER A 7 2.35 21.18 7.09
C SER A 7 1.12 20.48 7.67
N VAL A 8 -0.01 20.62 7.00
CA VAL A 8 -1.26 19.97 7.46
C VAL A 8 -1.02 18.45 7.34
N ILE A 9 -0.51 17.97 6.23
CA ILE A 9 -0.27 16.51 6.05
C ILE A 9 0.78 16.03 7.06
N ASP A 10 1.84 16.79 7.26
CA ASP A 10 2.88 16.43 8.25
C ASP A 10 2.22 16.22 9.63
N ALA A 11 1.43 17.20 10.07
CA ALA A 11 0.74 17.14 11.36
C ALA A 11 -0.15 15.91 11.36
N ALA A 12 -0.96 15.71 10.32
CA ALA A 12 -1.92 14.56 10.29
C ALA A 12 -1.16 13.20 10.33
N LEU A 13 -0.03 13.04 9.65
CA LEU A 13 0.68 11.75 9.71
C LEU A 13 1.23 11.55 11.14
N GLU A 14 1.72 12.62 11.76
CA GLU A 14 2.29 12.54 13.11
C GLU A 14 1.14 12.15 14.07
N LEU A 15 -0.05 12.74 13.91
CA LEU A 15 -1.26 12.41 14.73
C LEU A 15 -1.67 10.95 14.46
N LEU A 16 -1.67 10.54 13.20
CA LEU A 16 -1.98 9.14 12.81
C LEU A 16 -1.10 8.15 13.61
N ASN A 17 0.21 8.39 13.67
CA ASN A 17 1.16 7.53 14.43
C ASN A 17 0.81 7.52 15.92
N GLU A 18 0.23 8.61 16.43
CA GLU A 18 -0.18 8.81 17.86
C GLU A 18 -1.49 8.06 18.15
N THR A 19 -2.48 8.12 17.27
CA THR A 19 -3.88 7.75 17.61
C THR A 19 -4.36 6.52 16.86
N GLY A 20 -3.82 6.24 15.68
CA GLY A 20 -4.42 5.28 14.76
C GLY A 20 -5.57 5.92 13.98
N ILE A 21 -6.05 5.20 12.97
CA ILE A 21 -7.04 5.74 12.00
C ILE A 21 -8.33 6.02 12.78
N ASP A 22 -8.76 5.12 13.69
CA ASP A 22 -10.09 5.23 14.32
C ASP A 22 -10.03 6.48 15.19
N GLY A 23 -8.91 6.69 15.86
CA GLY A 23 -8.76 7.82 16.81
C GLY A 23 -8.40 9.14 16.15
N LEU A 24 -8.02 9.12 14.88
CA LEU A 24 -7.65 10.36 14.17
C LEU A 24 -8.93 11.16 13.97
N THR A 25 -9.00 12.41 14.44
CA THR A 25 -10.18 13.28 14.20
C THR A 25 -9.68 14.66 13.75
N THR A 26 -10.55 15.44 13.12
CA THR A 26 -10.22 16.86 12.82
C THR A 26 -10.07 17.66 14.12
N ARG A 27 -10.83 17.34 15.16
CA ARG A 27 -10.65 18.04 16.46
C ARG A 27 -9.23 17.81 16.99
N LYS A 28 -8.68 16.59 16.94
CA LYS A 28 -7.31 16.41 17.50
C LYS A 28 -6.30 17.00 16.52
N LEU A 29 -6.68 17.05 15.25
CA LEU A 29 -5.75 17.66 14.28
C LEU A 29 -5.68 19.17 14.56
N ALA A 30 -6.81 19.81 14.86
CA ALA A 30 -6.82 21.26 15.15
C ALA A 30 -5.94 21.51 16.39
N GLN A 31 -6.13 20.73 17.43
CA GLN A 31 -5.32 20.82 18.69
C GLN A 31 -3.82 20.74 18.36
N LYS A 32 -3.38 19.75 17.59
CA LYS A 32 -1.94 19.53 17.33
C LYS A 32 -1.39 20.74 16.58
N LEU A 33 -2.20 21.31 15.70
CA LEU A 33 -1.80 22.50 14.91
C LEU A 33 -1.94 23.80 15.69
N GLY A 34 -2.56 23.78 16.87
CA GLY A 34 -2.72 24.96 17.74
C GLY A 34 -3.70 25.95 17.15
N ILE A 35 -4.75 25.44 16.54
CA ILE A 35 -5.80 26.22 15.88
C ILE A 35 -7.19 25.78 16.35
N GLU A 36 -8.17 26.62 16.05
CA GLU A 36 -9.61 26.32 16.21
C GLU A 36 -10.12 25.47 15.03
N GLN A 37 -11.13 24.63 15.31
CA GLN A 37 -11.75 23.74 14.29
C GLN A 37 -12.23 24.51 13.07
N PRO A 38 -12.89 25.67 13.14
CA PRO A 38 -13.32 26.29 11.88
C PRO A 38 -12.14 26.79 11.01
N THR A 39 -11.02 27.16 11.62
CA THR A 39 -9.78 27.52 10.88
C THR A 39 -9.38 26.30 10.06
N LEU A 40 -9.28 25.13 10.73
CA LEU A 40 -8.88 23.87 10.04
C LEU A 40 -9.82 23.58 8.87
N TYR A 41 -11.12 23.83 9.07
CA TYR A 41 -12.22 23.48 8.12
C TYR A 41 -11.94 24.18 6.77
N TRP A 42 -11.42 25.43 6.82
CA TRP A 42 -11.04 26.18 5.60
C TRP A 42 -10.06 25.30 4.79
N HIS A 43 -9.16 24.60 5.48
CA HIS A 43 -7.99 23.90 4.87
C HIS A 43 -8.34 22.44 4.50
N VAL A 44 -9.20 21.79 5.28
CA VAL A 44 -9.49 20.30 5.18
C VAL A 44 -10.94 20.12 5.62
N LYS A 45 -11.84 19.67 4.76
CA LYS A 45 -13.29 19.77 5.04
C LYS A 45 -13.72 18.75 6.08
N ASN A 46 -13.15 17.55 6.04
CA ASN A 46 -13.59 16.42 6.91
C ASN A 46 -12.52 15.32 6.96
N LYS A 47 -12.80 14.26 7.70
CA LYS A 47 -11.87 13.13 7.90
C LYS A 47 -11.72 12.37 6.59
N ARG A 48 -12.80 12.14 5.90
CA ARG A 48 -12.80 11.52 4.55
C ARG A 48 -11.68 12.16 3.70
N ALA A 49 -11.74 13.46 3.51
CA ALA A 49 -10.85 14.18 2.56
C ALA A 49 -9.41 14.19 3.10
N LEU A 50 -9.22 14.29 4.40
CA LEU A 50 -7.91 14.06 5.01
C LEU A 50 -7.31 12.68 4.66
N LEU A 51 -8.01 11.60 4.94
CA LEU A 51 -7.51 10.22 4.70
C LEU A 51 -7.21 10.01 3.23
N ASP A 52 -8.07 10.53 2.36
CA ASP A 52 -7.83 10.45 0.91
C ASP A 52 -6.47 11.08 0.61
N ALA A 53 -6.18 12.25 1.16
CA ALA A 53 -4.92 12.96 0.89
C ALA A 53 -3.72 12.23 1.49
N LEU A 54 -3.82 11.75 2.73
CA LEU A 54 -2.75 10.94 3.35
C LEU A 54 -2.35 9.74 2.46
N ALA A 55 -3.38 8.95 2.08
CA ALA A 55 -3.21 7.75 1.23
C ALA A 55 -2.34 8.09 0.04
N VAL A 56 -2.57 9.24 -0.62
CA VAL A 56 -1.79 9.65 -1.80
C VAL A 56 -0.41 10.11 -1.37
N GLU A 57 -0.31 10.91 -0.31
CA GLU A 57 1.01 11.48 0.07
C GLU A 57 1.92 10.42 0.68
N ILE A 58 1.37 9.46 1.40
CA ILE A 58 2.27 8.40 1.96
C ILE A 58 2.98 7.71 0.78
N LEU A 59 2.25 7.42 -0.31
CA LEU A 59 2.93 6.78 -1.48
C LEU A 59 3.82 7.79 -2.17
N ALA A 60 3.41 9.05 -2.32
CA ALA A 60 4.29 10.05 -2.97
C ALA A 60 5.60 10.18 -2.18
N ARG A 61 5.53 10.23 -0.85
CA ARG A 61 6.74 10.45 -0.03
C ARG A 61 7.62 9.20 0.05
N HIS A 62 7.02 8.03 0.12
CA HIS A 62 7.74 6.85 0.68
C HIS A 62 7.60 5.61 -0.20
N HIS A 63 6.85 5.62 -1.30
CA HIS A 63 6.81 4.48 -2.23
C HIS A 63 7.73 4.86 -3.37
N ASP A 64 9.00 4.49 -3.24
CA ASP A 64 10.00 4.95 -4.21
C ASP A 64 10.20 3.98 -5.38
N TYR A 65 9.45 2.86 -5.50
CA TYR A 65 9.63 1.91 -6.63
C TYR A 65 8.31 1.72 -7.38
N SER A 66 7.63 2.85 -7.66
CA SER A 66 6.41 2.94 -8.52
C SER A 66 6.76 2.50 -9.94
N LEU A 67 8.00 2.74 -10.39
CA LEU A 67 8.39 2.59 -11.83
C LEU A 67 9.52 1.59 -12.01
N PRO A 68 9.55 0.85 -13.13
CA PRO A 68 10.60 -0.12 -13.38
C PRO A 68 11.89 0.62 -13.71
N ALA A 69 13.03 0.04 -13.40
CA ALA A 69 14.31 0.58 -13.87
C ALA A 69 14.37 0.32 -15.36
N ALA A 70 15.23 1.09 -16.03
CA ALA A 70 15.69 0.81 -17.41
C ALA A 70 16.05 -0.67 -17.53
N GLY A 71 15.39 -1.38 -18.44
CA GLY A 71 15.75 -2.76 -18.80
C GLY A 71 15.38 -3.77 -17.75
N GLU A 72 14.57 -3.40 -16.78
CA GLU A 72 14.18 -4.38 -15.73
C GLU A 72 13.20 -5.40 -16.30
N SER A 73 13.31 -6.68 -15.90
CA SER A 73 12.28 -7.73 -16.18
C SER A 73 10.93 -7.36 -15.54
N TRP A 74 9.81 -7.84 -16.11
CA TRP A 74 8.50 -7.63 -15.41
C TRP A 74 8.48 -8.34 -14.05
N GLN A 75 9.11 -9.51 -13.92
CA GLN A 75 9.15 -10.29 -12.63
C GLN A 75 9.84 -9.45 -11.53
N SER A 76 11.01 -8.90 -11.85
CA SER A 76 11.80 -8.07 -10.93
C SER A 76 11.04 -6.79 -10.60
N PHE A 77 10.43 -6.16 -11.59
CA PHE A 77 9.67 -4.95 -11.30
C PHE A 77 8.54 -5.29 -10.31
N LEU A 78 7.71 -6.30 -10.56
CA LEU A 78 6.58 -6.57 -9.66
C LEU A 78 7.13 -6.84 -8.25
N ARG A 79 8.23 -7.55 -8.15
CA ARG A 79 8.83 -7.85 -6.81
C ARG A 79 9.19 -6.58 -6.09
N ASN A 80 10.00 -5.76 -6.71
CA ASN A 80 10.48 -4.49 -6.11
C ASN A 80 9.27 -3.58 -5.80
N ASN A 81 8.30 -3.58 -6.68
CA ASN A 81 7.18 -2.62 -6.56
C ASN A 81 6.39 -3.08 -5.34
N ALA A 82 6.16 -4.41 -5.20
CA ALA A 82 5.41 -4.98 -4.05
C ALA A 82 6.16 -4.67 -2.74
N MET A 83 7.45 -4.90 -2.67
CA MET A 83 8.23 -4.64 -1.43
C MET A 83 8.12 -3.14 -1.07
N SER A 84 8.21 -2.24 -2.04
CA SER A 84 8.14 -0.75 -1.86
C SER A 84 6.75 -0.38 -1.38
N PHE A 85 5.71 -0.93 -2.02
CA PHE A 85 4.32 -0.71 -1.59
C PHE A 85 4.19 -1.15 -0.12
N ARG A 86 4.66 -2.35 0.21
CA ARG A 86 4.55 -2.90 1.60
C ARG A 86 5.23 -1.98 2.60
N ARG A 87 6.48 -1.63 2.34
CA ARG A 87 7.25 -0.71 3.19
C ARG A 87 6.43 0.57 3.38
N ALA A 88 5.96 1.18 2.32
CA ALA A 88 5.27 2.48 2.46
C ALA A 88 4.03 2.29 3.36
N LEU A 89 3.27 1.21 3.15
CA LEU A 89 2.06 0.94 3.96
C LEU A 89 2.41 0.76 5.43
N LEU A 90 3.46 -0.01 5.74
CA LEU A 90 3.90 -0.26 7.15
C LEU A 90 4.44 0.98 7.86
N ARG A 91 4.79 2.02 7.14
CA ARG A 91 5.56 3.16 7.70
C ARG A 91 4.66 3.95 8.65
N TYR A 92 3.34 3.93 8.50
CA TYR A 92 2.44 4.61 9.47
C TYR A 92 1.48 3.62 10.05
N ARG A 93 1.16 3.87 11.31
CA ARG A 93 0.17 3.10 12.09
C ARG A 93 -1.13 3.12 11.27
N ASP A 94 -1.73 1.97 11.10
CA ASP A 94 -3.00 1.79 10.33
C ASP A 94 -2.82 2.24 8.88
N GLY A 95 -1.58 2.23 8.35
CA GLY A 95 -1.31 2.81 7.03
C GLY A 95 -2.09 2.07 5.95
N ALA A 96 -2.21 0.75 6.09
CA ALA A 96 -2.95 -0.02 5.09
C ALA A 96 -4.43 0.32 5.12
N LYS A 97 -5.02 0.49 6.32
CA LYS A 97 -6.44 0.93 6.46
C LYS A 97 -6.62 2.33 5.81
N VAL A 98 -5.62 3.19 5.90
CA VAL A 98 -5.63 4.53 5.25
C VAL A 98 -5.68 4.33 3.74
N HIS A 99 -4.92 3.39 3.19
CA HIS A 99 -4.83 3.17 1.74
C HIS A 99 -6.14 2.54 1.20
N LEU A 100 -6.68 1.62 1.97
CA LEU A 100 -7.86 0.79 1.63
C LEU A 100 -9.01 1.69 1.19
N GLY A 101 -9.53 1.37 0.04
CA GLY A 101 -10.73 1.99 -0.49
C GLY A 101 -10.38 3.09 -1.49
N THR A 102 -9.10 3.53 -1.55
CA THR A 102 -8.66 4.70 -2.37
C THR A 102 -8.53 4.23 -3.82
N ARG A 103 -8.85 5.14 -4.76
CA ARG A 103 -8.70 4.89 -6.20
C ARG A 103 -7.50 5.71 -6.60
N PRO A 104 -6.75 5.33 -7.65
CA PRO A 104 -5.66 6.19 -8.08
C PRO A 104 -6.22 7.62 -8.15
N ASP A 105 -5.39 8.53 -7.66
CA ASP A 105 -5.51 9.98 -7.72
C ASP A 105 -5.03 10.42 -9.09
N GLU A 106 -5.54 11.56 -9.51
CA GLU A 106 -5.06 12.27 -10.71
C GLU A 106 -3.52 12.40 -10.63
N LYS A 107 -2.95 12.67 -9.44
CA LYS A 107 -1.48 12.89 -9.30
C LYS A 107 -0.74 11.56 -9.62
N GLN A 108 -1.41 10.40 -9.63
CA GLN A 108 -0.65 9.12 -9.88
C GLN A 108 -1.16 8.47 -11.18
N TYR A 109 -2.08 9.11 -11.87
CA TYR A 109 -2.57 8.69 -13.21
C TYR A 109 -1.46 8.09 -14.07
N ASP A 110 -0.40 8.89 -14.25
CA ASP A 110 0.71 8.61 -15.18
C ASP A 110 1.55 7.44 -14.67
N THR A 111 1.65 7.27 -13.35
CA THR A 111 2.34 6.11 -12.74
C THR A 111 1.58 4.81 -13.05
N VAL A 112 0.31 4.75 -12.73
CA VAL A 112 -0.49 3.51 -12.91
C VAL A 112 -0.54 3.14 -14.40
N GLU A 113 -0.71 4.16 -15.26
CA GLU A 113 -0.71 3.97 -16.72
C GLU A 113 0.62 3.30 -17.11
N THR A 114 1.75 3.89 -16.64
CA THR A 114 3.09 3.38 -17.03
C THR A 114 3.18 1.90 -16.62
N GLN A 115 2.76 1.58 -15.41
CA GLN A 115 2.82 0.18 -14.88
C GLN A 115 2.06 -0.72 -15.87
N LEU A 116 0.88 -0.30 -16.27
CA LEU A 116 0.01 -1.14 -17.11
C LEU A 116 0.58 -1.24 -18.53
N ARG A 117 1.02 -0.13 -19.12
CA ARG A 117 1.68 -0.20 -20.45
C ARG A 117 2.95 -1.08 -20.37
N PHE A 118 3.75 -0.92 -19.31
CA PHE A 118 5.00 -1.74 -19.10
C PHE A 118 4.68 -3.25 -19.18
N MET A 119 3.63 -3.67 -18.47
CA MET A 119 3.23 -5.10 -18.48
C MET A 119 2.81 -5.49 -19.91
N THR A 120 2.08 -4.60 -20.62
CA THR A 120 1.63 -4.88 -22.01
C THR A 120 2.84 -4.97 -22.94
N GLU A 121 3.93 -4.24 -22.67
CA GLU A 121 5.14 -4.28 -23.54
C GLU A 121 5.85 -5.60 -23.30
N ASN A 122 5.56 -6.30 -22.21
CA ASN A 122 6.31 -7.52 -21.84
C ASN A 122 5.52 -8.78 -22.18
N GLY A 123 4.45 -8.66 -22.95
CA GLY A 123 3.70 -9.82 -23.47
C GLY A 123 2.40 -10.07 -22.76
N PHE A 124 2.04 -9.25 -21.78
CA PHE A 124 0.70 -9.40 -21.16
C PHE A 124 -0.34 -8.73 -22.08
N SER A 125 -1.52 -9.31 -22.24
CA SER A 125 -2.74 -8.53 -22.55
C SER A 125 -3.04 -7.45 -21.49
N LEU A 126 -3.80 -6.42 -21.86
CA LEU A 126 -4.16 -5.42 -20.82
C LEU A 126 -4.84 -6.17 -19.67
N ARG A 127 -5.63 -7.18 -20.01
CA ARG A 127 -6.46 -7.86 -18.99
C ARG A 127 -5.48 -8.60 -18.07
N ASP A 128 -4.59 -9.39 -18.66
CA ASP A 128 -3.72 -10.31 -17.87
C ASP A 128 -2.77 -9.46 -17.04
N GLY A 129 -2.39 -8.31 -17.57
CA GLY A 129 -1.49 -7.38 -16.83
C GLY A 129 -2.21 -6.74 -15.66
N LEU A 130 -3.48 -6.35 -15.87
CA LEU A 130 -4.39 -5.82 -14.82
C LEU A 130 -4.55 -6.89 -13.71
N TYR A 131 -4.81 -8.14 -14.10
CA TYR A 131 -5.00 -9.24 -13.14
C TYR A 131 -3.74 -9.36 -12.27
N ALA A 132 -2.58 -9.32 -12.89
CA ALA A 132 -1.29 -9.49 -12.19
C ALA A 132 -1.06 -8.32 -11.25
N ILE A 133 -1.21 -7.12 -11.73
CA ILE A 133 -1.13 -5.88 -10.89
C ILE A 133 -2.14 -5.89 -9.73
N SER A 134 -3.42 -6.25 -9.94
N SER A 134 -3.38 -6.27 -9.97
CA SER A 134 -4.41 -6.27 -8.85
CA SER A 134 -4.43 -6.32 -8.92
C SER A 134 -4.06 -7.39 -7.85
C SER A 134 -4.09 -7.39 -7.88
N ALA A 135 -3.54 -8.54 -8.33
CA ALA A 135 -3.22 -9.70 -7.44
C ALA A 135 -2.07 -9.32 -6.52
N VAL A 136 -1.05 -8.67 -7.02
CA VAL A 136 0.03 -8.13 -6.18
C VAL A 136 -0.56 -7.14 -5.17
N SER A 137 -1.37 -6.16 -5.60
CA SER A 137 -1.92 -5.15 -4.66
C SER A 137 -2.74 -5.84 -3.56
N HIS A 138 -3.57 -6.82 -3.92
CA HIS A 138 -4.57 -7.38 -3.03
C HIS A 138 -3.82 -8.26 -2.03
N PHE A 139 -2.84 -9.01 -2.50
CA PHE A 139 -1.94 -9.84 -1.64
C PHE A 139 -1.16 -8.96 -0.68
N THR A 140 -0.49 -7.93 -1.17
CA THR A 140 0.32 -6.98 -0.32
C THR A 140 -0.56 -6.29 0.74
N LEU A 141 -1.69 -5.67 0.34
N LEU A 141 -1.67 -5.66 0.33
CA LEU A 141 -2.59 -4.97 1.29
CA LEU A 141 -2.62 -4.98 1.25
C LEU A 141 -3.11 -5.97 2.36
C LEU A 141 -3.09 -5.97 2.34
N GLY A 142 -3.64 -7.13 1.94
CA GLY A 142 -4.04 -8.22 2.88
C GLY A 142 -2.97 -8.57 3.90
N ALA A 143 -1.74 -8.83 3.47
CA ALA A 143 -0.64 -9.16 4.36
C ALA A 143 -0.38 -8.00 5.34
N VAL A 144 -0.33 -6.76 4.86
CA VAL A 144 0.01 -5.62 5.78
C VAL A 144 -1.17 -5.35 6.70
N LEU A 145 -2.39 -5.57 6.23
CA LEU A 145 -3.56 -5.35 7.09
C LEU A 145 -3.50 -6.33 8.26
N GLU A 146 -3.15 -7.60 8.06
CA GLU A 146 -3.29 -8.57 9.17
C GLU A 146 -2.15 -8.24 10.14
N GLN A 147 -0.97 -7.95 9.64
CA GLN A 147 0.20 -7.48 10.43
C GLN A 147 -0.22 -6.28 11.27
N GLN A 148 -0.80 -5.23 10.67
CA GLN A 148 -1.06 -3.97 11.39
C GLN A 148 -2.24 -4.16 12.33
N GLU A 149 -3.23 -4.94 11.91
CA GLU A 149 -4.58 -5.00 12.55
C GLU A 149 -4.58 -6.07 13.62
N HIS A 150 -3.59 -6.96 13.56
CA HIS A 150 -3.27 -7.85 14.69
C HIS A 150 -2.63 -7.00 15.80
N THR A 151 -2.34 -5.72 15.55
CA THR A 151 -1.88 -4.73 16.55
C THR A 151 -3.05 -3.81 16.94
N ASN A 164 -3.99 -23.42 25.25
CA ASN A 164 -4.44 -24.81 24.95
C ASN A 164 -4.62 -24.98 23.42
N LEU A 165 -3.57 -24.62 22.66
CA LEU A 165 -3.49 -24.71 21.17
C LEU A 165 -3.30 -26.17 20.77
N PRO A 166 -3.80 -26.67 19.60
CA PRO A 166 -3.27 -27.91 19.01
C PRO A 166 -1.88 -27.66 18.39
N PRO A 167 -1.07 -28.72 18.19
CA PRO A 167 0.38 -28.56 18.02
C PRO A 167 0.88 -27.70 16.84
N LEU A 168 0.49 -28.07 15.63
CA LEU A 168 0.74 -27.32 14.34
C LEU A 168 0.39 -25.83 14.49
N LEU A 169 -0.81 -25.53 15.01
CA LEU A 169 -1.36 -24.16 15.18
C LEU A 169 -0.38 -23.43 16.12
N ARG A 170 -0.06 -24.04 17.28
CA ARG A 170 0.94 -23.53 18.30
C ARG A 170 2.24 -23.21 17.55
N GLU A 171 2.81 -24.23 16.92
CA GLU A 171 4.10 -24.04 16.24
C GLU A 171 3.95 -22.97 15.15
N ALA A 172 2.82 -22.95 14.44
CA ALA A 172 2.68 -22.01 13.30
C ALA A 172 2.64 -20.56 13.82
N LEU A 173 1.82 -20.28 14.85
CA LEU A 173 1.69 -18.93 15.47
C LEU A 173 3.08 -18.48 15.95
N GLN A 174 3.89 -19.43 16.43
CA GLN A 174 5.31 -19.21 16.88
C GLN A 174 6.12 -18.72 15.68
N ILE A 175 6.03 -19.44 14.56
CA ILE A 175 6.72 -19.10 13.29
C ILE A 175 6.27 -17.70 12.83
N MET A 176 4.96 -17.40 12.82
CA MET A 176 4.50 -16.08 12.28
C MET A 176 5.02 -14.94 13.20
N ASP A 177 5.14 -15.20 14.51
CA ASP A 177 5.64 -14.26 15.56
C ASP A 177 7.14 -13.91 15.40
N SER A 178 8.01 -14.91 15.20
CA SER A 178 9.49 -14.80 15.15
C SER A 178 9.98 -13.68 14.19
N ASP A 179 9.16 -13.21 13.22
CA ASP A 179 9.39 -11.96 12.45
C ASP A 179 8.03 -11.24 12.26
N ASP A 180 7.99 -10.16 11.48
CA ASP A 180 6.76 -9.35 11.28
C ASP A 180 5.77 -10.08 10.33
N GLY A 181 6.21 -11.16 9.65
CA GLY A 181 5.50 -11.78 8.52
C GLY A 181 6.14 -11.41 7.20
N GLU A 182 7.31 -10.74 7.23
CA GLU A 182 8.17 -10.44 6.04
C GLU A 182 8.49 -11.75 5.33
N GLN A 183 8.86 -12.82 6.06
CA GLN A 183 9.17 -14.12 5.40
C GLN A 183 7.93 -14.63 4.67
N ALA A 184 6.79 -14.71 5.33
CA ALA A 184 5.57 -15.29 4.71
C ALA A 184 5.19 -14.44 3.49
N PHE A 185 5.29 -13.13 3.63
CA PHE A 185 4.99 -12.19 2.53
C PHE A 185 5.95 -12.46 1.37
N LEU A 186 7.28 -12.51 1.60
CA LEU A 186 8.23 -12.64 0.46
C LEU A 186 8.08 -14.00 -0.25
N HIS A 187 7.76 -15.03 0.49
CA HIS A 187 7.55 -16.39 -0.06
C HIS A 187 6.30 -16.39 -0.94
N GLY A 188 5.19 -15.91 -0.42
CA GLY A 188 3.94 -15.77 -1.19
C GLY A 188 4.13 -14.94 -2.44
N LEU A 189 4.89 -13.88 -2.36
CA LEU A 189 5.14 -13.05 -3.52
C LEU A 189 5.83 -13.87 -4.60
N GLU A 190 6.84 -14.68 -4.25
CA GLU A 190 7.57 -15.46 -5.28
C GLU A 190 6.57 -16.42 -5.92
N SER A 191 5.70 -17.01 -5.13
CA SER A 191 4.69 -17.97 -5.68
C SER A 191 3.78 -17.26 -6.70
N LEU A 192 3.28 -16.07 -6.38
CA LEU A 192 2.34 -15.30 -7.26
C LEU A 192 3.06 -14.97 -8.57
N ILE A 193 4.29 -14.43 -8.50
CA ILE A 193 5.04 -14.06 -9.74
C ILE A 193 5.28 -15.29 -10.64
N ARG A 194 5.70 -16.41 -10.09
CA ARG A 194 5.97 -17.64 -10.84
C ARG A 194 4.66 -18.11 -11.48
N GLY A 195 3.56 -18.16 -10.71
CA GLY A 195 2.24 -18.50 -11.30
C GLY A 195 1.90 -17.58 -12.44
N PHE A 196 2.14 -16.26 -12.35
CA PHE A 196 1.90 -15.32 -13.49
C PHE A 196 2.79 -15.71 -14.67
N GLU A 197 4.01 -16.10 -14.40
CA GLU A 197 4.98 -16.38 -15.50
C GLU A 197 4.57 -17.66 -16.21
N VAL A 198 4.20 -18.69 -15.45
CA VAL A 198 3.64 -19.94 -16.06
C VAL A 198 2.42 -19.62 -16.95
N GLN A 199 1.48 -18.81 -16.48
CA GLN A 199 0.32 -18.39 -17.32
C GLN A 199 0.78 -17.70 -18.61
N LEU A 200 1.75 -16.79 -18.53
CA LEU A 200 2.12 -15.91 -19.65
C LEU A 200 2.82 -16.73 -20.72
N THR A 201 3.74 -17.61 -20.32
CA THR A 201 4.56 -18.46 -21.23
C THR A 201 3.68 -19.48 -21.94
N ALA A 202 2.58 -19.92 -21.32
CA ALA A 202 1.64 -20.91 -21.93
C ALA A 202 1.02 -20.39 -23.26
N LEU A 203 0.84 -19.07 -23.46
CA LEU A 203 0.10 -18.59 -24.68
C LEU A 203 -1.27 -19.29 -24.73
N LEU A 204 -1.58 -20.01 -25.83
CA LEU A 204 -2.88 -20.73 -26.02
C LEU A 204 -2.77 -22.23 -25.68
N GLN A 205 -1.66 -22.75 -25.13
CA GLN A 205 -1.64 -24.18 -24.70
C GLN A 205 -2.53 -24.34 -23.47
N ILE A 206 -2.92 -25.58 -23.20
CA ILE A 206 -3.65 -25.93 -21.97
C ILE A 206 -2.55 -26.00 -20.93
N VAL A 207 -2.71 -25.26 -19.85
CA VAL A 207 -1.69 -25.22 -18.78
C VAL A 207 -2.40 -25.49 -17.45
C94 T1C B . -14.67 -2.73 -8.22
C93 T1C B . -13.99 -1.46 -8.77
C95 T1C B . -14.65 -0.23 -8.14
C96 T1C B . -14.05 -1.25 -10.32
N92 T1C B . -12.56 -1.59 -8.36
C92 T1C B . -11.72 -0.39 -8.45
C91 T1C B . -10.34 -0.78 -8.87
O91 T1C B . -10.06 -1.83 -9.45
N9 T1C B . -9.44 0.10 -8.56
C9 T1C B . -8.10 0.08 -8.86
C8 T1C B . -7.61 -0.20 -10.11
C7 T1C B . -6.24 -0.09 -10.37
N7 T1C B . -5.67 -0.39 -11.65
C71 T1C B . -5.24 -1.81 -11.49
C72 T1C B . -6.59 -0.39 -12.82
C61 T1C B . -5.37 0.22 -9.29
C6 T1C B . -3.90 0.29 -9.56
C51 T1C B . -3.07 -0.13 -8.37
C5 T1C B . -1.61 0.19 -8.74
C41 T1C B . -0.81 -0.19 -7.43
C4 T1C B . 0.70 -0.30 -7.75
N4 T1C B . 1.43 -1.52 -7.19
C43 T1C B . 1.25 -1.89 -5.73
C42 T1C B . 1.08 -2.74 -7.97
C3 T1C B . 1.44 0.93 -7.36
O3 T1C B . 2.72 0.76 -7.07
C2 T1C B . 0.86 2.15 -7.17
C21 T1C B . 1.66 3.43 -7.20
O21 T1C B . 2.87 3.54 -7.39
N21 T1C B . 1.09 4.60 -6.90
C1 T1C B . -0.44 2.16 -6.80
O1 T1C B . -1.05 3.26 -6.75
C1C T1C B . -1.12 0.86 -6.37
O1C T1C B . -0.62 0.52 -5.03
C12 T1C B . -2.64 0.95 -6.15
O12 T1C B . -3.13 1.35 -4.94
C1B T1C B . -3.56 0.57 -7.10
C11 T1C B . -4.89 0.79 -6.93
O11 T1C B . -5.38 1.13 -5.88
C1A T1C B . -5.85 0.44 -8.03
C10 T1C B . -7.22 0.38 -7.82
O10 T1C B . -7.77 0.66 -6.64
MG MG C . -4.70 1.17 -3.95
CL CL D . 15.70 -7.92 -14.13
CL CL E . -0.69 29.29 7.15
CL CL F . 2.32 23.09 0.55
#